data_1Y9H
#
_entry.id   1Y9H
#
loop_
_entity.id
_entity.type
_entity.pdbx_description
1 polymer "5'-D(*CP*CP*AP*TP*(5CM)P*(BPG)P*CP*TP*AP*CP*C)-3'"
2 polymer "5'-D(*GP*GP*TP*AP*GP*CP*GP*AP*TP*GP*G)-3'"
3 non-polymer 1,2,3-TRIHYDROXY-1,2,3,4-TETRAHYDROBENZO[A]PYRENE
#
loop_
_entity_poly.entity_id
_entity_poly.type
_entity_poly.pdbx_seq_one_letter_code
_entity_poly.pdbx_strand_id
1 'polydeoxyribonucleotide' (DC)(DC)(DA)(DT)(5CM)(DG)(DC)(DT)(DA)(DC)(DC) A
2 'polydeoxyribonucleotide' (DG)(DG)(DT)(DA)(DG)(DC)(DG)(DA)(DT)(DG)(DG) B
#
loop_
_chem_comp.id
_chem_comp.type
_chem_comp.name
_chem_comp.formula
5CM DNA linking 5-METHYL-2'-DEOXY-CYTIDINE-5'-MONOPHOSPHATE 'C10 H16 N3 O7 P'
BAP non-polymer 1,2,3-TRIHYDROXY-1,2,3,4-TETRAHYDROBENZO[A]PYRENE 'C20 H16 O3'
DA DNA linking 2'-DEOXYADENOSINE-5'-MONOPHOSPHATE 'C10 H14 N5 O6 P'
DC DNA linking 2'-DEOXYCYTIDINE-5'-MONOPHOSPHATE 'C9 H14 N3 O7 P'
DG DNA linking 2'-DEOXYGUANOSINE-5'-MONOPHOSPHATE 'C10 H14 N5 O7 P'
DT DNA linking THYMIDINE-5'-MONOPHOSPHATE 'C10 H15 N2 O8 P'
#
# COMPACT_ATOMS: atom_id res chain seq x y z
N1 5CM A 5 -0.47 -1.96 -3.19
C2 5CM A 5 -0.48 -1.33 -1.95
N3 5CM A 5 0.20 -1.89 -0.93
C4 5CM A 5 0.88 -3.02 -1.09
C5 5CM A 5 0.92 -3.71 -2.35
C5A 5CM A 5 1.68 -5.04 -2.45
C6 5CM A 5 0.23 -3.15 -3.37
O2 5CM A 5 -1.10 -0.29 -1.77
N4 5CM A 5 1.52 -3.46 -0.03
C1' 5CM A 5 -1.27 -1.27 -4.24
C2' 5CM A 5 -0.79 -1.20 -5.74
C3' 5CM A 5 -1.66 -2.32 -6.35
C4' 5CM A 5 -2.97 -2.02 -5.64
O4' 5CM A 5 -2.56 -1.85 -4.28
O3' 5CM A 5 -1.67 -2.21 -7.78
C5' 5CM A 5 -4.02 -3.13 -5.67
O5' 5CM A 5 -3.64 -4.28 -4.91
P 5CM A 5 -2.60 -5.41 -5.38
OP1 5CM A 5 -3.03 -5.95 -6.70
OP2 5CM A 5 -1.22 -4.93 -5.17
H5A1 5CM A 5 1.06 -5.79 -2.94
H5A2 5CM A 5 1.91 -5.41 -1.46
H5A3 5CM A 5 2.63 -4.90 -2.99
H6 5CM A 5 0.26 -3.64 -4.34
HN41 5CM A 5 1.49 -2.87 0.80
HN42 5CM A 5 2.04 -4.33 -0.03
H1' 5CM A 5 -1.47 -0.28 -3.85
H2' 5CM A 5 0.29 -1.37 -5.83
H2'' 5CM A 5 -1.06 -0.25 -6.21
H3' 5CM A 5 -1.31 -3.31 -6.07
H4' 5CM A 5 -3.39 -1.11 -6.07
H5' 5CM A 5 -4.92 -2.73 -5.21
H5'' 5CM A 5 -4.23 -3.41 -6.71
C1 BAP C . 4.19 -1.54 -1.41
C2 BAP C . 3.89 -2.05 -2.69
C3 BAP C . 3.06 -1.32 -3.58
C3A BAP C . 2.54 -0.08 -3.19
C4 BAP C . 1.72 0.64 -4.06
C5 BAP C . 1.20 1.89 -3.67
C5A BAP C . 1.46 2.45 -2.39
C6 BAP C . 0.93 3.71 -1.97
C7 BAP C . 1.24 4.21 -0.66
C8 BAP C . 2.07 3.45 0.19
C8A BAP C . 2.59 2.22 -0.21
C9 BAP C . 3.41 1.48 0.67
C10 BAP C . 3.95 0.23 0.28
C1A BAP C . 3.66 -0.30 -1.00
C3B BAP C . 2.82 0.45 -1.89
C5B BAP C . 2.30 1.70 -1.50
C1' BAP C . 0.75 5.48 -0.19
O1' BAP C . 0.51 5.51 1.24
C2' BAP C . -0.56 5.94 -0.90
O2' BAP C . -0.83 7.26 -0.36
C3' BAP C . -0.24 5.93 -2.42
O3' BAP C . 0.79 6.91 -2.54
C4' BAP C . 0.07 4.48 -2.86
H1 BAP C . 4.82 -2.10 -0.74
H2 BAP C . 4.29 -3.00 -3.00
H3 BAP C . 2.84 -1.71 -4.57
H4 BAP C . 1.50 0.24 -5.04
H5 BAP C . 0.58 2.42 -4.37
H8 BAP C . 2.30 3.86 1.17
H9 BAP C . 3.65 1.87 1.65
H10 BAP C . 4.57 -0.33 0.96
H1' BAP C . 1.49 6.17 -0.65
HO1 BAP C . 0.08 4.69 1.52
H2' BAP C . -1.43 5.28 -0.83
HO2 BAP C . -0.25 7.88 -0.79
H3' BAP C . -1.12 6.11 -3.07
HO3 BAP C . 1.49 6.64 -3.15
H4'2 BAP C . 0.33 4.45 -3.93
N1 5CM A 5 -0.61 -2.29 -3.30
C2 5CM A 5 -0.57 -1.73 -2.04
N3 5CM A 5 0.13 -2.36 -1.09
C4 5CM A 5 0.76 -3.51 -1.32
C5 5CM A 5 0.74 -4.14 -2.61
C5A 5CM A 5 1.44 -5.48 -2.79
C6 5CM A 5 0.05 -3.49 -3.58
O2 5CM A 5 -1.14 -0.67 -1.79
N4 5CM A 5 1.42 -4.02 -0.28
C1' 5CM A 5 -1.42 -1.52 -4.31
C2' 5CM A 5 -1.05 -1.43 -5.83
C3' 5CM A 5 -2.00 -2.48 -6.43
C4' 5CM A 5 -3.24 -2.21 -5.59
O4' 5CM A 5 -2.74 -2.08 -4.27
O3' 5CM A 5 -2.14 -2.29 -7.84
C5' 5CM A 5 -4.29 -3.31 -5.55
O5' 5CM A 5 -3.78 -4.52 -4.98
P 5CM A 5 -3.04 -5.67 -5.84
OP1 5CM A 5 -3.81 -5.94 -7.07
OP2 5CM A 5 -1.59 -5.36 -5.92
H5A1 5CM A 5 1.70 -5.65 -3.84
H5A2 5CM A 5 0.75 -6.26 -2.48
H5A3 5CM A 5 2.34 -5.50 -2.18
H6 5CM A 5 0.02 -3.90 -4.59
HN41 5CM A 5 1.43 -3.50 0.59
HN42 5CM A 5 1.90 -4.91 -0.37
H1' 5CM A 5 -1.57 -0.54 -3.87
H2' 5CM A 5 0.01 -1.63 -6.01
H2'' 5CM A 5 -1.32 -0.45 -6.24
H3' 5CM A 5 -1.66 -3.50 -6.23
H4' 5CM A 5 -3.69 -1.27 -5.93
H5' 5CM A 5 -5.13 -2.98 -4.93
H5'' 5CM A 5 -4.64 -3.50 -6.57
C1 BAP C . 4.11 -2.01 -1.69
C2 BAP C . 3.77 -2.46 -2.98
C3 BAP C . 2.91 -1.69 -3.80
C3A BAP C . 2.40 -0.47 -3.31
C4 BAP C . 1.54 0.30 -4.12
C5 BAP C . 1.03 1.52 -3.64
C5A BAP C . 1.35 2.01 -2.36
C6 BAP C . 0.83 3.25 -1.87
C7 BAP C . 1.20 3.70 -0.55
C8 BAP C . 2.07 2.91 0.24
C8A BAP C . 2.58 1.68 -0.23
C9 BAP C . 3.43 0.90 0.58
C10 BAP C . 3.94 -0.33 0.09
C1A BAP C . 3.60 -0.79 -1.19
C3B BAP C . 2.74 0.00 -2.01
C5B BAP C . 2.22 1.24 -1.53
C1' BAP C . 0.71 4.94 0.01
O1' BAP C . 0.52 4.89 1.44
C2' BAP C . -0.63 5.40 -0.62
O2' BAP C . -0.94 6.66 0.00
C3' BAP C . -0.40 5.48 -2.15
O3' BAP C . 0.61 6.51 -2.24
C4' BAP C . -0.06 4.05 -2.67
H1 BAP C . 4.77 -2.60 -1.07
H2 BAP C . 4.16 -3.40 -3.35
H3 BAP C . 2.64 -2.03 -4.78
H4 BAP C . 1.27 -0.06 -5.11
H5 BAP C . 0.37 2.08 -4.30
H8 BAP C . 2.33 3.27 1.22
H9 BAP C . 3.70 1.24 1.56
H10 BAP C . 4.60 -0.92 0.72
H1' BAP C . 1.41 5.66 -0.43
HO1 BAP C . 0.12 4.06 1.73
H2' BAP C . -1.47 4.69 -0.57
HO2 BAP C . -0.40 7.35 -0.40
H3' BAP C . -1.31 5.67 -2.73
HO3 BAP C . 1.26 6.36 -2.92
H4'2 BAP C . 0.14 4.08 -3.75
N1 5CM A 5 -2.57 -1.81 -4.18
C2 5CM A 5 -1.98 -1.43 -2.98
N3 5CM A 5 -0.91 -2.11 -2.54
C4 5CM A 5 -0.41 -3.14 -3.24
C5 5CM A 5 -0.98 -3.59 -4.47
C5A 5CM A 5 -0.35 -4.77 -5.19
C6 5CM A 5 -2.06 -2.89 -4.92
O2 5CM A 5 -2.41 -0.49 -2.32
N4 5CM A 5 0.65 -3.72 -2.69
C1' 5CM A 5 -3.76 -0.98 -4.56
C2' 5CM A 5 -4.09 -0.53 -6.04
C3' 5CM A 5 -5.18 -1.57 -6.38
C4' 5CM A 5 -5.96 -1.59 -5.07
O4' 5CM A 5 -4.92 -1.67 -4.09
O3' 5CM A 5 -5.93 -1.13 -7.52
C5' 5CM A 5 -6.90 -2.79 -4.83
O5' 5CM A 5 -6.21 -4.05 -4.70
P 5CM A 5 -5.51 -4.87 -5.89
OP1 5CM A 5 -6.47 -4.99 -7.01
OP2 5CM A 5 -4.16 -4.30 -6.14
H5A1 5CM A 5 0.64 -4.94 -4.79
H5A2 5CM A 5 -0.96 -5.66 -4.99
H5A3 5CM A 5 -0.29 -4.58 -6.27
H6 5CM A 5 -2.53 -3.15 -5.87
HN41 5CM A 5 1.02 -3.32 -1.83
HN42 5CM A 5 1.08 -4.53 -3.11
H1' 5CM A 5 -3.74 -0.12 -3.88
H2' 5CM A 5 -3.20 -0.57 -6.68
H2'' 5CM A 5 -4.52 0.46 -6.08
H3' 5CM A 5 -4.76 -2.56 -6.58
H4' 5CM A 5 -6.53 -0.67 -4.99
H5' 5CM A 5 -7.44 -2.62 -3.91
H5'' 5CM A 5 -7.60 -2.85 -5.66
C1 BAP C . 2.49 -1.43 -4.63
C2 BAP C . 1.64 -1.72 -5.72
C3 BAP C . 0.52 -0.90 -5.98
C3A BAP C . 0.22 0.20 -5.15
C4 BAP C . -0.90 1.00 -5.40
C5 BAP C . -1.17 2.11 -4.57
C5A BAP C . -0.35 2.43 -3.46
C6 BAP C . -0.61 3.54 -2.60
C7 BAP C . 0.27 3.80 -1.50
C8 BAP C . 1.39 2.98 -1.29
C8A BAP C . 1.66 1.88 -2.12
C9 BAP C . 2.78 1.07 -1.86
C10 BAP C . 3.05 -0.03 -2.70
C1A BAP C . 2.21 -0.32 -3.79
C3B BAP C . 1.08 0.50 -4.04
C5B BAP C . 0.79 1.60 -3.21
C1' BAP C . 0.06 4.91 -0.61
O1' BAP C . 0.47 4.65 0.76
C2' BAP C . -1.40 5.41 -0.53
O2' BAP C . -1.41 6.58 0.33
C3' BAP C . -1.80 5.73 -1.99
O3' BAP C . -0.90 6.72 -2.52
C4' BAP C . -1.76 4.40 -2.81
H1 BAP C . 3.36 -2.05 -4.43
H2 BAP C . 1.86 -2.56 -6.36
H3 BAP C . -0.13 -1.14 -6.81
H4 BAP C . -1.55 0.78 -6.23
H5 BAP C . -2.04 2.71 -4.78
H8 BAP C . 2.04 3.20 -0.45
H9 BAP C . 3.42 1.29 -1.03
H10 BAP C . 3.92 -0.65 -2.50
H1' BAP C . 0.52 5.72 -1.19
HO1 BAP C . 0.21 3.77 1.05
H2' BAP C . -2.18 4.69 -0.25
HO2 BAP C . -0.52 6.93 0.43
H3' BAP C . -2.87 5.95 -2.13
HO3 BAP C . -1.14 7.59 -2.19
H4'2 BAP C . -2.05 4.58 -3.86
N1 5CM A 5 -3.05 5.43 0.40
C2 5CM A 5 -2.32 4.95 1.49
N3 5CM A 5 -1.93 3.66 1.51
C4 5CM A 5 -2.23 2.85 0.50
C5 5CM A 5 -2.99 3.30 -0.64
C5A 5CM A 5 -3.34 2.30 -1.75
C6 5CM A 5 -3.36 4.61 -0.65
O2 5CM A 5 -2.03 5.68 2.44
N4 5CM A 5 -1.81 1.60 0.59
C1' 5CM A 5 -3.46 6.85 0.49
C2' 5CM A 5 -3.47 7.81 -0.76
C3' 5CM A 5 -4.98 7.81 -1.12
C4' 5CM A 5 -5.58 7.78 0.27
O4' 5CM A 5 -4.79 6.83 0.98
O3' 5CM A 5 -5.32 8.99 -1.87
C5' 5CM A 5 -7.02 7.28 0.31
O5' 5CM A 5 -7.07 5.92 -0.15
P 5CM A 5 -7.51 5.48 -1.63
OP1 5CM A 5 -8.52 6.42 -2.16
OP2 5CM A 5 -6.30 5.15 -2.44
H5A1 5CM A 5 -2.64 2.35 -2.56
H5A2 5CM A 5 -3.32 1.29 -1.33
H5A3 5CM A 5 -4.37 2.46 -2.08
H6 5CM A 5 -3.91 4.97 -1.52
HN41 5CM A 5 -1.23 1.36 1.37
HN42 5CM A 5 -2.06 0.91 -0.11
H1' 5CM A 5 -2.91 7.30 1.31
H2' 5CM A 5 -2.82 7.44 -1.57
H2'' 5CM A 5 -3.17 8.83 -0.51
H3' 5CM A 5 -5.29 6.92 -1.67
H4' 5CM A 5 -5.51 8.77 0.72
H5' 5CM A 5 -7.36 7.30 1.34
H5'' 5CM A 5 -7.64 7.92 -0.30
C1 BAP C . 1.34 3.17 -1.22
C2 BAP C . 0.42 3.81 -2.09
C3 BAP C . -0.04 5.12 -1.80
C3A BAP C . 0.40 5.77 -0.63
C4 BAP C . -0.06 7.08 -0.34
C5 BAP C . 0.40 7.72 0.83
C5A BAP C . 1.32 7.12 1.73
C6 BAP C . 1.78 7.78 2.90
C7 BAP C . 2.70 7.10 3.77
C8 BAP C . 3.16 5.80 3.43
C8A BAP C . 2.71 5.15 2.27
C9 BAP C . 3.16 3.85 1.97
C10 BAP C . 2.71 3.19 0.80
C1A BAP C . 1.80 3.82 -0.06
C3B BAP C . 1.32 5.13 0.24
C5B BAP C . 1.78 5.80 1.42
C1' BAP C . 3.21 7.69 4.98
O1' BAP C . 3.45 6.74 6.06
C2' BAP C . 2.27 8.78 5.56
O2' BAP C . 2.93 9.35 6.71
C3' BAP C . 2.06 9.81 4.43
O3' BAP C . 3.34 10.34 4.07
C4' BAP C . 1.33 9.12 3.25
H1 BAP C . 1.69 2.18 -1.45
H2 BAP C . 0.08 3.32 -2.98
H3 BAP C . -0.74 5.60 -2.46
H4 BAP C . -0.76 7.56 -1.00
H5 BAP C . 0.04 8.72 1.02
H8 BAP C . 3.86 5.32 4.09
H9 BAP C . 3.86 3.36 2.64
H10 BAP C . 3.07 2.20 0.59
H1' BAP C . 4.01 8.32 4.58
HO1 BAP C . 2.78 6.06 6.12
H2' BAP C . 1.25 8.49 5.80
HO2 BAP C . 3.34 8.64 7.21
H3' BAP C . 1.30 10.57 4.62
HO3 BAP C . 3.75 10.80 4.81
H4'2 BAP C . 1.20 9.80 2.39
N1 5CM A 5 -1.50 -1.87 8.27
C2 5CM A 5 -0.53 -1.81 7.29
N3 5CM A 5 -0.02 -0.61 6.94
C4 5CM A 5 -0.44 0.50 7.53
C5 5CM A 5 -1.44 0.51 8.56
C5A 5CM A 5 -1.87 1.84 9.17
C6 5CM A 5 -1.95 -0.70 8.91
O2 5CM A 5 -0.11 -2.82 6.73
N4 5CM A 5 0.15 1.62 7.11
C1' 5CM A 5 -2.02 -3.24 8.54
C2' 5CM A 5 -2.36 -3.80 9.98
C3' 5CM A 5 -3.89 -3.61 9.98
C4' 5CM A 5 -4.23 -4.01 8.55
O4' 5CM A 5 -3.21 -3.35 7.78
O3' 5CM A 5 -4.49 -4.47 10.98
C5' 5CM A 5 -5.55 -3.49 8.00
O5' 5CM A 5 -5.58 -2.07 7.88
P 5CM A 5 -6.05 -1.07 9.05
OP1 5CM A 5 -7.22 -1.64 9.75
OP2 5CM A 5 -4.86 -0.64 9.83
H5A1 5CM A 5 -1.76 2.61 8.42
H5A2 5CM A 5 -2.91 1.81 9.47
H5A3 5CM A 5 -1.22 2.08 10.02
H6 5CM A 5 -2.70 -0.75 9.69
HN41 5CM A 5 0.88 1.52 6.43
HN42 5CM A 5 -0.14 2.53 7.45
H1' 5CM A 5 -1.36 -3.92 8.02
H2' 5CM A 5 -1.85 -3.24 10.77
H2'' 5CM A 5 -2.13 -4.86 10.07
H3' 5CM A 5 -4.19 -2.58 10.16
H4' 5CM A 5 -4.17 -5.10 8.46
H5' 5CM A 5 -5.69 -3.89 6.99
H5'' 5CM A 5 -6.36 -3.83 8.64
C1 BAP C . 2.29 0.99 9.95
C2 BAP C . 1.18 0.65 10.76
C3 BAP C . 0.78 -0.69 10.93
C3A BAP C . 1.51 -1.72 10.27
C4 BAP C . 1.13 -3.06 10.44
C5 BAP C . 1.86 -4.08 9.79
C5A BAP C . 2.98 -3.79 8.97
C6 BAP C . 3.73 -4.81 8.31
C7 BAP C . 4.85 -4.44 7.49
C8 BAP C . 5.22 -3.09 7.36
C8A BAP C . 4.48 -2.08 8.00
C9 BAP C . 4.86 -0.73 7.84
C10 BAP C . 4.12 0.29 8.49
C1A BAP C . 3.01 -0.03 9.29
C3B BAP C . 2.64 -1.39 9.46
C5B BAP C . 3.36 -2.43 8.81
C1' BAP C . 5.65 -5.42 6.80
O1' BAP C . 6.18 -4.96 5.54
C2' BAP C . 4.89 -6.74 6.53
O2' BAP C . 5.83 -7.64 5.89
C3' BAP C . 4.36 -7.25 7.90
O3' BAP C . 5.51 -7.45 8.74
C4' BAP C . 3.36 -6.21 8.45
H1 BAP C . 2.57 2.02 9.83
H2 BAP C . 0.62 1.43 11.25
H3 BAP C . -0.06 -0.95 11.55
H4 BAP C . 0.27 -3.31 11.05
H5 BAP C . 1.55 -5.11 9.93
H8 BAP C . 6.06 -2.84 6.74
H9 BAP C . 5.70 -0.47 7.23
H10 BAP C . 4.41 1.33 8.36
H1' BAP C . 6.32 -5.75 7.62
HO1 BAP C . 5.53 -4.45 5.05
H2' BAP C . 3.93 -6.67 5.97
HO2 BAP C . 6.35 -7.15 5.25
H3' BAP C . 3.67 -8.10 7.85
HO3 BAP C . 6.15 -8.03 8.31
H4'2 BAP C . 3.01 -6.51 9.45
N1 5CM A 5 -0.93 -2.25 8.68
C2 5CM A 5 -0.06 -2.08 7.62
N3 5CM A 5 0.23 -0.83 7.24
C4 5CM A 5 -0.30 0.24 7.85
C5 5CM A 5 -1.21 0.13 8.96
C5A 5CM A 5 -1.76 1.38 9.62
C6 5CM A 5 -1.50 -1.15 9.34
O2 5CM A 5 0.44 -3.03 7.03
N4 5CM A 5 0.09 1.41 7.37
C1' 5CM A 5 -1.22 -3.70 9.03
C2' 5CM A 5 -1.39 -4.19 10.51
C3' 5CM A 5 -2.92 -4.29 10.58
C4' 5CM A 5 -3.23 -4.87 9.20
O4' 5CM A 5 -2.40 -4.08 8.33
O3' 5CM A 5 -3.32 -5.13 11.68
C5' 5CM A 5 -4.66 -4.72 8.67
O5' 5CM A 5 -5.05 -3.36 8.41
P 5CM A 5 -5.37 -2.26 9.54
OP1 5CM A 5 -6.31 -2.82 10.52
OP2 5CM A 5 -4.10 -1.67 10.01
H5A1 5CM A 5 -2.84 1.42 9.48
H5A2 5CM A 5 -1.51 1.38 10.68
H5A3 5CM A 5 -1.31 2.25 9.13
H6 5CM A 5 -2.18 -1.30 10.18
HN41 5CM A 5 0.75 1.37 6.62
HN42 5CM A 5 -0.26 2.28 7.75
H1' 5CM A 5 -0.45 -4.27 8.51
H2' 5CM A 5 -0.95 -3.50 11.23
H2'' 5CM A 5 -0.97 -5.19 10.66
H3' 5CM A 5 -3.40 -3.31 10.68
H4' 5CM A 5 -2.93 -5.92 9.20
H5' 5CM A 5 -4.73 -5.25 7.73
H5'' 5CM A 5 -5.35 -5.17 9.39
C1 BAP C . 2.52 1.15 9.92
C2 BAP C . 1.58 0.68 10.86
C3 BAP C . 1.40 -0.71 11.08
C3A BAP C . 2.17 -1.63 10.33
C4 BAP C . 2.00 -3.01 10.54
C5 BAP C . 2.77 -3.93 9.81
C5A BAP C . 3.72 -3.51 8.84
C6 BAP C . 4.52 -4.44 8.09
C7 BAP C . 5.46 -3.94 7.14
C8 BAP C . 5.62 -2.54 6.96
C8A BAP C . 4.84 -1.63 7.69
C9 BAP C . 5.01 -0.24 7.50
C10 BAP C . 4.23 0.68 8.22
C1A BAP C . 3.29 0.23 9.18
C3B BAP C . 3.12 -1.17 9.38
C5B BAP C . 3.90 -2.11 8.64
C1' BAP C . 6.30 -4.81 6.34
O1' BAP C . 6.59 -4.21 5.06
C2' BAP C . 5.69 -6.22 6.16
O2' BAP C . 6.68 -6.94 5.41
C3' BAP C . 5.41 -6.78 7.58
O3' BAP C . 6.72 -6.84 8.18
C4' BAP C . 4.35 -5.88 8.27
H1 BAP C . 2.65 2.21 9.77
H2 BAP C . 1.00 1.38 11.44
H3 BAP C . 0.69 -1.07 11.79
H4 BAP C . 1.28 -3.37 11.26
H5 BAP C . 2.62 -4.99 9.99
H8 BAP C . 6.34 -2.20 6.24
H9 BAP C . 5.73 0.12 6.77
H10 BAP C . 4.37 1.75 8.07
H1' BAP C . 7.11 -5.03 7.05
HO1 BAP C . 6.07 -4.58 4.35
H2' BAP C . 4.68 -6.28 5.72
HO2 BAP C . 7.38 -7.20 6.00
H3' BAP C . 4.85 -7.72 7.61
HO3 BAP C . 6.74 -6.49 9.07
H4'2 BAP C . 4.15 -6.21 9.30
N1 5CM A 5 -0.83 -1.75 -3.24
C2 5CM A 5 -0.86 -1.11 -2.01
N3 5CM A 5 -0.17 -1.65 -1.01
C4 5CM A 5 0.52 -2.79 -1.17
C5 5CM A 5 0.58 -3.50 -2.43
C5A 5CM A 5 1.37 -4.79 -2.53
C6 5CM A 5 -0.11 -2.94 -3.44
O2 5CM A 5 -1.49 -0.07 -1.86
N4 5CM A 5 1.16 -3.23 -0.08
C1' 5CM A 5 -1.66 -1.12 -4.29
C2' 5CM A 5 -1.02 -1.17 -5.71
C3' 5CM A 5 -2.12 -1.97 -6.52
C4' 5CM A 5 -3.29 -2.19 -5.55
O4' 5CM A 5 -2.72 -2.08 -4.25
O3' 5CM A 5 -2.62 -1.18 -7.56
C5' 5CM A 5 -3.71 -3.64 -5.69
O5' 5CM A 5 -2.53 -4.41 -5.42
P 5CM A 5 -2.18 -5.80 -6.12
OP1 5CM A 5 -2.92 -5.94 -7.40
OP2 5CM A 5 -0.71 -5.99 -6.09
H5A1 5CM A 5 1.54 -5.05 -3.58
H5A2 5CM A 5 0.77 -5.58 -2.06
H5A3 5CM A 5 2.31 -4.67 -2.01
H6 5CM A 5 -0.11 -3.40 -4.43
HN41 5CM A 5 1.13 -2.68 0.76
HN42 5CM A 5 1.66 -4.11 -0.14
H1' 5CM A 5 -2.04 -0.13 -4.03
H2' 5CM A 5 -0.05 -1.64 -5.66
H2'' 5CM A 5 -0.89 -0.16 -6.13
H3' 5CM A 5 -1.73 -2.93 -6.88
H4' 5CM A 5 -4.08 -1.47 -5.75
H5' 5CM A 5 -4.53 -3.85 -5.00
H5'' 5CM A 5 -4.04 -3.82 -6.72
C1 BAP C . 3.97 -1.49 -1.36
C2 BAP C . 3.67 -1.94 -2.66
C3 BAP C . 2.85 -1.16 -3.51
C3A BAP C . 2.35 0.08 -3.06
C4 BAP C . 1.54 0.86 -3.91
C5 BAP C . 1.05 2.10 -3.46
C5A BAP C . 1.33 2.59 -2.15
C6 BAP C . 0.83 3.84 -1.68
C7 BAP C . 1.16 4.27 -0.35
C8 BAP C . 1.97 3.46 0.47
C8A BAP C . 2.46 2.23 0.01
C9 BAP C . 3.27 1.44 0.85
C10 BAP C . 3.78 0.20 0.40
C1A BAP C . 3.47 -0.25 -0.90
C3B BAP C . 2.65 0.54 -1.75
C5B BAP C . 2.14 1.79 -1.30
C1' BAP C . 0.69 5.52 0.19
O1' BAP C . 0.41 5.46 1.62
C2' BAP C . -0.59 6.06 -0.49
O2' BAP C . -0.84 7.34 0.12
C3' BAP C . -0.27 6.13 -2.02
O3' BAP C . 0.82 7.08 -2.04
C4' BAP C . -0.01 4.69 -2.53
H1 BAP C . 4.59 -2.10 -0.71
H2 BAP C . 4.05 -2.89 -3.01
H3 BAP C . 2.62 -1.51 -4.51
H4 BAP C . 1.30 0.51 -4.91
H5 BAP C . 0.43 2.68 -4.13
H8 BAP C . 2.22 3.80 1.47
H9 BAP C . 3.51 1.79 1.85
H10 BAP C . 4.40 -0.40 1.05
H1' BAP C . 1.44 6.22 -0.22
HO1 BAP C . -0.04 4.65 1.85
H2' BAP C . -1.48 5.41 -0.50
HO2 BAP C . -0.23 7.99 -0.25
H3' BAP C . -1.12 6.37 -2.66
HO3 BAP C . 1.54 6.83 -2.62
H4'2 BAP C . 0.25 4.69 -3.60
N1 5CM A 5 -2.28 -2.60 -4.48
C2 5CM A 5 -1.74 -2.21 -3.28
N3 5CM A 5 -0.62 -2.82 -2.85
C4 5CM A 5 -0.03 -3.77 -3.55
C5 5CM A 5 -0.57 -4.21 -4.81
C5A 5CM A 5 0.15 -5.33 -5.56
C6 5CM A 5 -1.70 -3.59 -5.25
O2 5CM A 5 -2.24 -1.33 -2.59
N4 5CM A 5 1.08 -4.26 -3.03
C1' 5CM A 5 -3.54 -1.88 -4.85
C2' 5CM A 5 -3.90 -1.44 -6.32
C3' 5CM A 5 -4.93 -2.55 -6.69
C4' 5CM A 5 -5.70 -2.64 -5.36
O4' 5CM A 5 -4.64 -2.68 -4.40
O3' 5CM A 5 -5.70 -2.15 -7.82
C5' 5CM A 5 -6.57 -3.87 -5.08
O5' 5CM A 5 -5.85 -5.12 -4.97
P 5CM A 5 -5.03 -5.83 -6.16
OP1 5CM A 5 -5.94 -6.05 -7.31
OP2 5CM A 5 -3.75 -5.11 -6.37
H5A1 5CM A 5 0.66 -4.95 -6.44
H5A2 5CM A 5 0.88 -5.80 -4.90
H5A3 5CM A 5 -0.58 -6.11 -5.82
H6 5CM A 5 -2.12 -3.88 -6.20
HN41 5CM A 5 1.39 -3.86 -2.15
HN42 5CM A 5 1.61 -5.00 -3.47
H1' 5CM A 5 -3.59 -1.02 -4.17
H2' 5CM A 5 -3.03 -1.42 -6.96
H2'' 5CM A 5 -4.42 -0.47 -6.35
H3' 5CM A 5 -4.43 -3.50 -6.89
H4' 5CM A 5 -6.31 -1.75 -5.26
H5' 5CM A 5 -7.07 -3.70 -4.13
H5'' 5CM A 5 -7.33 -3.97 -5.86
C1 BAP C . 2.64 -1.68 -5.00
C2 BAP C . 1.82 -1.96 -6.10
C3 BAP C . 0.60 -1.26 -6.28
C3A BAP C . 0.22 -0.27 -5.35
C4 BAP C . -0.99 0.42 -5.54
C5 BAP C . -1.36 1.42 -4.62
C5A BAP C . -0.56 1.75 -3.48
C6 BAP C . -0.93 2.75 -2.54
C7 BAP C . -0.07 3.03 -1.43
C8 BAP C . 1.14 2.31 -1.28
C8A BAP C . 1.51 1.33 -2.21
C9 BAP C . 2.71 0.62 -2.03
C10 BAP C . 3.09 -0.39 -2.95
C1A BAP C . 2.26 -0.69 -4.06
C3B BAP C . 1.05 0.03 -4.24
C5B BAP C . 0.66 1.03 -3.32
C1' BAP C . -0.40 4.04 -0.47
O1' BAP C . 0.05 3.73 0.88
C2' BAP C . -1.91 4.37 -0.36
O2' BAP C . -2.02 5.45 0.59
C3' BAP C . -2.37 4.74 -1.79
O3' BAP C . -1.59 5.87 -2.23
C4' BAP C . -2.19 3.48 -2.68
H1 BAP C . 3.58 -2.21 -4.86
H2 BAP C . 2.11 -2.73 -6.80
H3 BAP C . -0.03 -1.49 -7.13
H4 BAP C . -1.62 0.20 -6.38
H5 BAP C . -2.30 1.94 -4.78
H8 BAP C . 1.77 2.54 -0.44
H9 BAP C . 3.35 0.84 -1.18
H10 BAP C . 4.01 -0.93 -2.82
H1' BAP C . -0.03 4.93 -0.99
HO1 BAP C . -0.11 2.81 1.10
H2' BAP C . -2.61 3.54 -0.14
HO2 BAP C . -1.46 5.27 1.34
H3' BAP C . -3.45 4.86 -1.91
HO3 BAP C . -1.66 6.61 -1.63
H4'2 BAP C . -2.49 3.72 -3.71
N1 5CM A 5 -0.62 -2.06 -3.17
C2 5CM A 5 -0.59 -1.44 -1.94
N3 5CM A 5 0.15 -2.00 -0.96
C4 5CM A 5 0.83 -3.12 -1.15
C5 5CM A 5 0.83 -3.79 -2.43
C5A 5CM A 5 1.61 -5.11 -2.62
C6 5CM A 5 0.09 -3.23 -3.41
O2 5CM A 5 -1.21 -0.41 -1.72
N4 5CM A 5 1.54 -3.56 -0.11
C1' 5CM A 5 -1.48 -1.37 -4.18
C2' 5CM A 5 -1.06 -1.25 -5.70
C3' 5CM A 5 -1.94 -2.37 -6.31
C4' 5CM A 5 -3.22 -2.17 -5.51
O4' 5CM A 5 -2.76 -2.00 -4.17
O3' 5CM A 5 -2.09 -2.19 -7.72
C5' 5CM A 5 -4.10 -3.39 -5.49
O5' 5CM A 5 -3.39 -4.48 -4.87
P 5CM A 5 -3.19 -5.91 -5.59
OP1 5CM A 5 -4.41 -6.25 -6.37
OP2 5CM A 5 -1.87 -5.96 -6.24
H5A1 5CM A 5 0.93 -5.87 -2.99
H5A2 5CM A 5 1.99 -5.43 -1.65
H5A3 5CM A 5 2.44 -4.94 -3.30
H6 5CM A 5 0.07 -3.69 -4.40
HN41 5CM A 5 1.53 -2.99 0.72
HN42 5CM A 5 2.05 -4.42 -0.17
H1' 5CM A 5 -1.71 -0.39 -3.76
H2' 5CM A 5 0.00 -1.40 -5.84
H2'' 5CM A 5 -1.37 -0.29 -6.13
H3' 5CM A 5 -1.55 -3.37 -6.11
H4' 5CM A 5 -3.75 -1.30 -5.88
H5' 5CM A 5 -4.99 -3.19 -4.90
H5'' 5CM A 5 -4.38 -3.64 -6.51
C1 BAP C . 4.09 -1.64 -1.48
C2 BAP C . 3.77 -2.14 -2.77
C3 BAP C . 2.93 -1.38 -3.62
C3A BAP C . 2.41 -0.14 -3.20
C4 BAP C . 1.56 0.60 -4.04
C5 BAP C . 1.05 1.84 -3.60
C5A BAP C . 1.36 2.38 -2.32
C6 BAP C . 0.84 3.63 -1.86
C7 BAP C . 1.19 4.09 -0.55
C8 BAP C . 2.04 3.32 0.27
C8A BAP C . 2.55 2.08 -0.18
C9 BAP C . 3.38 1.33 0.67
C10 BAP C . 3.90 0.09 0.24
C1A BAP C . 3.57 -0.41 -1.05
C3B BAP C . 2.73 0.36 -1.90
C5B BAP C . 2.21 1.60 -1.47
C1' BAP C . 0.71 5.35 -0.01
O1' BAP C . 0.52 5.31 1.41
C2' BAP C . -0.62 5.80 -0.66
O2' BAP C . -0.92 7.08 -0.06
C3' BAP C . -0.37 5.86 -2.18
O3' BAP C . 0.63 6.87 -2.30
C4' BAP C . -0.04 4.43 -2.70
H1 BAP C . 4.74 -2.21 -0.83
H2 BAP C . 4.17 -3.08 -3.10
H3 BAP C . 2.68 -1.76 -4.60
H4 BAP C . 1.31 0.22 -5.02
H5 BAP C . 0.42 2.40 -4.28
H8 BAP C . 2.30 3.69 1.24
H9 BAP C . 3.63 1.70 1.65
H10 BAP C . 4.55 -0.49 0.88
H1' BAP C . 1.43 6.05 -0.46
HO1 BAP C . 0.11 4.49 1.70
H2' BAP C . -1.46 5.09 -0.59
HO2 BAP C . -0.38 7.76 -0.48
H3' BAP C . -1.28 6.03 -2.77
HO3 BAP C . 1.35 6.66 -2.91
H4'2 BAP C . 0.18 4.42 -3.78
#